data_7VLH
#
_entry.id   7VLH
#
_cell.length_a   40.992
_cell.length_b   40.992
_cell.length_c   214.435
_cell.angle_alpha   90.000
_cell.angle_beta   90.000
_cell.angle_gamma   90.000
#
_symmetry.space_group_name_H-M   'P 43 2 2'
#
loop_
_entity.id
_entity.type
_entity.pdbx_description
1 polymer 'Serine protease subunit NS2B'
2 polymer 'NS3 protease'
3 non-polymer 1-[(3~{S},6~{R},18~{R})-3,6-bis(4-azanylbutyl)-2,5,8,11,14,17-hexakis(oxidanylidene)-1,4,7,10,13,16-hexazacyclodocos-18-yl]guanidine
4 non-polymer 'SULFATE ION'
5 water water
#
loop_
_entity_poly.entity_id
_entity_poly.type
_entity_poly.pdbx_seq_one_letter_code
_entity_poly.pdbx_strand_id
1 'polypeptide(L)' MTGKSVDMYIERAGDITWEKDAEVTGNSPRLDVALDESGDFSLVEEDGPPMRE A
2 'polypeptide(L)'
;GSGALWDVPAPKEVKKGETTDGVYRVMTRRLLGSTQVGVGVMQEGVFHTMWHVTKGAALRSGEGRLDPYWGDVKQDLVSY
CGPWKLDAAWDGLSEVQLLAVPPGERAKNIQTLPGIFKTKDGDIGAVALDYPAGTSGSPILDKCGRVIGLYGNGVVIKNG
SYVSAITQGKREEETPVE
;
B
#
# COMPACT_ATOMS: atom_id res chain seq x y z
N ASP A 7 2.58 -20.85 -1.81
CA ASP A 7 3.61 -20.10 -2.50
C ASP A 7 3.01 -19.02 -3.40
N MET A 8 3.59 -17.82 -3.35
CA MET A 8 3.16 -16.69 -4.15
C MET A 8 4.33 -16.19 -4.98
N TYR A 9 4.01 -15.43 -6.03
CA TYR A 9 5.03 -14.87 -6.91
C TYR A 9 4.67 -13.44 -7.28
N ILE A 10 5.69 -12.64 -7.54
CA ILE A 10 5.55 -11.24 -7.89
C ILE A 10 5.72 -11.06 -9.38
N GLU A 11 4.96 -10.12 -9.94
CA GLU A 11 5.06 -9.73 -11.34
C GLU A 11 5.10 -8.21 -11.42
N ARG A 12 6.09 -7.67 -12.13
CA ARG A 12 6.29 -6.23 -12.15
C ARG A 12 5.07 -5.53 -12.76
N ALA A 13 4.65 -4.44 -12.12
CA ALA A 13 3.47 -3.70 -12.53
C ALA A 13 3.76 -2.29 -13.02
N GLY A 14 4.98 -1.80 -12.87
CA GLY A 14 5.34 -0.50 -13.40
C GLY A 14 6.42 0.15 -12.55
N ASP A 15 6.61 1.44 -12.79
CA ASP A 15 7.56 2.25 -12.04
C ASP A 15 6.82 3.13 -11.04
N ILE A 16 7.59 3.67 -10.09
CA ILE A 16 7.06 4.58 -9.08
C ILE A 16 7.40 5.99 -9.55
N THR A 17 6.51 6.57 -10.35
CA THR A 17 6.72 7.89 -10.91
C THR A 17 5.43 8.71 -10.81
N TRP A 18 5.59 10.03 -10.76
CA TRP A 18 4.47 10.95 -10.72
C TRP A 18 4.06 11.30 -12.15
N GLU A 19 2.79 11.08 -12.47
CA GLU A 19 2.26 11.31 -13.81
C GLU A 19 1.56 12.65 -13.85
N LYS A 20 2.02 13.55 -14.72
CA LYS A 20 1.43 14.89 -14.80
C LYS A 20 -0.01 14.82 -15.27
N ASP A 21 -0.32 13.90 -16.17
CA ASP A 21 -1.68 13.75 -16.71
C ASP A 21 -2.42 12.65 -15.96
N ALA A 22 -2.64 12.89 -14.67
CA ALA A 22 -3.28 11.93 -13.79
C ALA A 22 -4.67 12.42 -13.39
N GLU A 23 -5.59 11.47 -13.20
CA GLU A 23 -6.93 11.81 -12.74
C GLU A 23 -6.89 12.27 -11.29
N VAL A 24 -7.69 13.29 -10.99
CA VAL A 24 -7.81 13.84 -9.65
C VAL A 24 -9.23 13.56 -9.15
N THR A 25 -9.33 12.79 -8.08
CA THR A 25 -10.62 12.39 -7.55
C THR A 25 -10.45 11.95 -6.10
N GLY A 26 -11.56 11.63 -5.45
CA GLY A 26 -11.54 11.24 -4.06
C GLY A 26 -11.56 12.44 -3.13
N ASN A 27 -12.27 12.34 -2.01
CA ASN A 27 -12.38 13.45 -1.08
C ASN A 27 -11.31 13.34 0.00
N SER A 28 -11.44 14.11 1.07
CA SER A 28 -10.44 14.16 2.14
C SER A 28 -11.14 14.16 3.48
N PRO A 29 -11.69 13.02 3.89
CA PRO A 29 -12.42 12.95 5.15
C PRO A 29 -11.50 13.08 6.36
N ARG A 30 -12.10 13.49 7.48
CA ARG A 30 -11.42 13.61 8.76
C ARG A 30 -12.17 12.74 9.76
N LEU A 31 -11.54 11.63 10.18
CA LEU A 31 -12.21 10.61 10.96
C LEU A 31 -11.41 10.29 12.22
N ASP A 32 -12.12 10.07 13.32
CA ASP A 32 -11.53 9.52 14.53
C ASP A 32 -11.56 8.00 14.42
N VAL A 33 -10.39 7.36 14.52
CA VAL A 33 -10.28 5.92 14.32
C VAL A 33 -9.42 5.33 15.43
N ALA A 34 -9.67 4.05 15.73
CA ALA A 34 -8.90 3.30 16.70
C ALA A 34 -8.21 2.14 16.00
N LEU A 35 -6.96 1.88 16.39
CA LEU A 35 -6.15 0.82 15.82
C LEU A 35 -5.89 -0.23 16.90
N ASP A 36 -6.48 -1.40 16.73
CA ASP A 36 -6.32 -2.46 17.72
C ASP A 36 -5.01 -3.20 17.50
N GLU A 37 -4.71 -4.12 18.43
CA GLU A 37 -3.46 -4.86 18.37
C GLU A 37 -3.37 -5.75 17.14
N SER A 38 -4.49 -6.11 16.54
CA SER A 38 -4.50 -7.00 15.39
C SER A 38 -4.31 -6.26 14.07
N GLY A 39 -4.07 -4.95 14.10
CA GLY A 39 -3.81 -4.20 12.89
C GLY A 39 -5.03 -3.77 12.11
N ASP A 40 -6.20 -3.72 12.75
CA ASP A 40 -7.43 -3.32 12.10
C ASP A 40 -7.87 -1.94 12.62
N PHE A 41 -8.30 -1.09 11.70
CA PHE A 41 -8.80 0.23 12.05
C PHE A 41 -10.28 0.16 12.38
N SER A 42 -10.71 1.00 13.33
CA SER A 42 -12.10 1.06 13.76
C SER A 42 -12.55 2.51 13.80
N LEU A 43 -13.77 2.75 13.30
CA LEU A 43 -14.35 4.09 13.32
C LEU A 43 -14.86 4.39 14.73
N VAL A 44 -14.40 5.50 15.29
CA VAL A 44 -14.80 5.90 16.64
C VAL A 44 -15.49 7.27 16.61
N THR B 19 14.50 -8.25 -9.16
CA THR B 19 14.53 -7.45 -7.94
C THR B 19 14.75 -5.98 -8.25
N THR B 20 14.44 -5.58 -9.49
CA THR B 20 14.55 -4.18 -9.88
C THR B 20 13.49 -3.34 -9.18
N ASP B 21 13.83 -2.09 -8.92
CA ASP B 21 12.90 -1.19 -8.25
C ASP B 21 11.64 -1.00 -9.09
N GLY B 22 10.55 -0.71 -8.40
CA GLY B 22 9.26 -0.50 -9.04
C GLY B 22 8.15 -1.12 -8.22
N VAL B 23 6.94 -1.09 -8.78
CA VAL B 23 5.77 -1.67 -8.15
C VAL B 23 5.48 -3.02 -8.78
N TYR B 24 5.18 -4.01 -7.94
CA TYR B 24 4.97 -5.38 -8.39
C TYR B 24 3.61 -5.88 -7.91
N ARG B 25 3.06 -6.84 -8.65
CA ARG B 25 1.86 -7.53 -8.23
C ARG B 25 2.24 -8.78 -7.43
N VAL B 26 1.49 -9.04 -6.37
CA VAL B 26 1.66 -10.25 -5.57
C VAL B 26 0.63 -11.26 -6.06
N MET B 27 1.11 -12.31 -6.73
CA MET B 27 0.25 -13.31 -7.34
C MET B 27 0.36 -14.63 -6.59
N THR B 28 -0.63 -15.49 -6.83
CA THR B 28 -0.65 -16.82 -6.21
C THR B 28 -1.59 -17.70 -7.00
N ARG B 29 -1.20 -18.96 -7.19
CA ARG B 29 -2.01 -19.95 -7.88
C ARG B 29 -2.79 -20.83 -6.91
N ARG B 30 -2.97 -20.38 -5.67
CA ARG B 30 -3.63 -21.17 -4.64
C ARG B 30 -5.15 -21.06 -4.67
N LEU B 31 -5.71 -20.22 -5.53
CA LEU B 31 -7.15 -20.09 -5.64
C LEU B 31 -7.66 -20.90 -6.83
N LEU B 32 -8.67 -20.38 -7.54
CA LEU B 32 -9.14 -21.03 -8.75
C LEU B 32 -8.09 -21.01 -9.85
N GLY B 33 -7.13 -20.08 -9.78
CA GLY B 33 -6.09 -19.96 -10.77
C GLY B 33 -5.21 -18.76 -10.49
N SER B 34 -4.93 -17.97 -11.52
CA SER B 34 -4.17 -16.74 -11.33
C SER B 34 -4.98 -15.76 -10.48
N THR B 35 -4.45 -15.42 -9.32
CA THR B 35 -5.12 -14.49 -8.41
C THR B 35 -4.11 -13.47 -7.91
N GLN B 36 -4.48 -12.20 -7.97
CA GLN B 36 -3.65 -11.11 -7.44
C GLN B 36 -4.12 -10.81 -6.02
N VAL B 37 -3.24 -11.05 -5.04
CA VAL B 37 -3.61 -10.86 -3.65
C VAL B 37 -3.25 -9.49 -3.10
N GLY B 38 -2.38 -8.74 -3.79
CA GLY B 38 -2.01 -7.43 -3.30
C GLY B 38 -0.95 -6.80 -4.17
N VAL B 39 -0.35 -5.74 -3.61
CA VAL B 39 0.64 -4.92 -4.32
C VAL B 39 1.89 -4.83 -3.46
N GLY B 40 3.01 -4.52 -4.12
CA GLY B 40 4.27 -4.41 -3.42
C GLY B 40 5.21 -3.47 -4.15
N VAL B 41 6.15 -2.91 -3.39
CA VAL B 41 7.10 -1.93 -3.91
C VAL B 41 8.50 -2.44 -3.63
N MET B 42 9.30 -2.58 -4.69
CA MET B 42 10.70 -2.98 -4.59
C MET B 42 11.57 -1.73 -4.64
N GLN B 43 12.39 -1.53 -3.62
CA GLN B 43 13.27 -0.37 -3.55
C GLN B 43 14.55 -0.76 -2.85
N GLU B 44 15.69 -0.44 -3.46
CA GLU B 44 17.00 -0.72 -2.89
C GLU B 44 17.17 -2.20 -2.58
N GLY B 45 16.58 -3.07 -3.39
CA GLY B 45 16.67 -4.49 -3.19
C GLY B 45 15.72 -5.06 -2.15
N VAL B 46 14.92 -4.22 -1.50
CA VAL B 46 13.97 -4.66 -0.49
C VAL B 46 12.57 -4.55 -1.07
N PHE B 47 11.76 -5.58 -0.84
CA PHE B 47 10.37 -5.60 -1.29
C PHE B 47 9.46 -5.23 -0.13
N HIS B 48 8.60 -4.24 -0.35
CA HIS B 48 7.72 -3.71 0.69
C HIS B 48 6.26 -3.95 0.29
N THR B 49 5.54 -4.68 1.12
CA THR B 49 4.11 -4.89 0.94
C THR B 49 3.46 -4.84 2.33
N MET B 50 2.18 -5.18 2.38
CA MET B 50 1.43 -5.18 3.62
C MET B 50 1.30 -6.60 4.15
N TRP B 51 1.39 -6.75 5.48
CA TRP B 51 1.41 -8.08 6.08
C TRP B 51 0.19 -8.90 5.65
N HIS B 52 -0.99 -8.29 5.70
CA HIS B 52 -2.22 -9.03 5.40
C HIS B 52 -2.23 -9.58 3.98
N VAL B 53 -1.33 -9.15 3.11
CA VAL B 53 -1.32 -9.65 1.74
C VAL B 53 -0.64 -11.00 1.66
N THR B 54 0.56 -11.12 2.25
CA THR B 54 1.31 -12.37 2.22
C THR B 54 1.34 -13.11 3.55
N LYS B 55 1.02 -12.43 4.65
CA LYS B 55 1.12 -13.05 5.98
C LYS B 55 2.52 -13.63 6.20
N GLY B 56 3.53 -12.94 5.67
CA GLY B 56 4.90 -13.36 5.79
C GLY B 56 5.33 -14.47 4.87
N ALA B 57 4.44 -14.98 4.02
CA ALA B 57 4.79 -16.08 3.13
C ALA B 57 5.94 -15.68 2.20
N ALA B 58 6.76 -16.67 1.85
CA ALA B 58 7.85 -16.44 0.93
C ALA B 58 7.32 -16.24 -0.49
N LEU B 59 7.95 -15.34 -1.23
CA LEU B 59 7.53 -15.00 -2.58
C LEU B 59 8.54 -15.50 -3.60
N ARG B 60 8.04 -15.85 -4.78
CA ARG B 60 8.87 -16.29 -5.89
C ARG B 60 9.08 -15.14 -6.87
N SER B 61 10.32 -14.91 -7.26
CA SER B 61 10.67 -13.86 -8.20
C SER B 61 11.28 -14.47 -9.46
N GLY B 62 10.65 -15.51 -9.98
CA GLY B 62 11.18 -16.23 -11.12
C GLY B 62 11.75 -17.57 -10.72
N GLU B 63 13.06 -17.75 -10.86
CA GLU B 63 13.75 -18.92 -10.34
C GLU B 63 14.37 -18.68 -8.97
N GLY B 64 14.14 -17.51 -8.39
CA GLY B 64 14.65 -17.21 -7.06
C GLY B 64 13.53 -16.79 -6.14
N ARG B 65 13.73 -17.05 -4.85
CA ARG B 65 12.75 -16.76 -3.82
C ARG B 65 13.17 -15.55 -3.00
N LEU B 66 12.19 -14.93 -2.35
CA LEU B 66 12.41 -13.80 -1.46
C LEU B 66 11.85 -14.15 -0.09
N ASP B 67 12.68 -14.02 0.94
CA ASP B 67 12.27 -14.43 2.28
C ASP B 67 12.01 -13.21 3.15
N PRO B 68 10.97 -13.25 3.99
CA PRO B 68 10.66 -12.10 4.84
C PRO B 68 11.82 -11.78 5.78
N TYR B 69 12.03 -10.48 5.99
CA TYR B 69 13.09 -9.98 6.84
C TYR B 69 12.57 -9.22 8.06
N TRP B 70 11.44 -8.53 7.94
CA TRP B 70 10.87 -7.79 9.04
C TRP B 70 9.36 -7.70 8.84
N GLY B 71 8.63 -7.61 9.94
CA GLY B 71 7.19 -7.51 9.87
C GLY B 71 6.59 -7.06 11.19
N ASP B 72 5.37 -6.55 11.11
CA ASP B 72 4.65 -6.10 12.30
C ASP B 72 3.16 -6.14 11.98
N VAL B 73 2.45 -7.11 12.56
CA VAL B 73 1.04 -7.28 12.26
C VAL B 73 0.25 -6.02 12.60
N LYS B 74 0.66 -5.30 13.65
CA LYS B 74 -0.07 -4.10 14.04
C LYS B 74 0.03 -3.03 12.95
N GLN B 75 1.23 -2.80 12.43
CA GLN B 75 1.39 -1.88 11.31
C GLN B 75 0.90 -2.48 9.99
N ASP B 76 0.68 -3.79 9.94
CA ASP B 76 0.23 -4.46 8.72
C ASP B 76 1.24 -4.28 7.59
N LEU B 77 2.51 -4.30 7.93
CA LEU B 77 3.59 -4.15 6.96
C LEU B 77 4.59 -5.28 7.12
N VAL B 78 5.37 -5.50 6.06
CA VAL B 78 6.37 -6.56 6.06
C VAL B 78 7.40 -6.24 4.98
N SER B 79 8.66 -6.43 5.30
CA SER B 79 9.75 -6.26 4.35
C SER B 79 10.32 -7.62 3.94
N TYR B 80 10.96 -7.65 2.78
CA TYR B 80 11.58 -8.85 2.26
C TYR B 80 13.02 -8.54 1.87
N CYS B 81 13.92 -9.47 2.15
CA CYS B 81 15.33 -9.42 1.78
C CYS B 81 16.09 -8.32 2.50
N GLY B 82 15.46 -7.57 3.39
CA GLY B 82 16.14 -6.52 4.11
C GLY B 82 15.21 -5.67 4.95
N PRO B 83 15.77 -4.66 5.61
CA PRO B 83 14.94 -3.79 6.46
C PRO B 83 14.08 -2.84 5.63
N TRP B 84 13.08 -2.26 6.29
CA TRP B 84 12.21 -1.30 5.65
C TRP B 84 13.02 -0.08 5.19
N LYS B 85 12.86 0.30 3.93
CA LYS B 85 13.66 1.35 3.33
C LYS B 85 12.87 2.63 3.02
N LEU B 86 11.55 2.61 3.14
CA LEU B 86 10.72 3.75 2.79
C LEU B 86 10.64 4.73 3.96
N ASP B 87 11.17 5.93 3.76
CA ASP B 87 11.22 6.94 4.81
C ASP B 87 10.45 8.22 4.49
N ALA B 88 9.98 8.40 3.26
CA ALA B 88 9.28 9.61 2.90
C ALA B 88 7.94 9.71 3.65
N ALA B 89 7.58 10.94 4.00
CA ALA B 89 6.36 11.21 4.75
C ALA B 89 5.54 12.27 4.03
N TRP B 90 4.22 12.15 4.14
CA TRP B 90 3.31 13.15 3.59
C TRP B 90 3.44 14.45 4.36
N ASP B 91 3.54 15.57 3.64
CA ASP B 91 3.64 16.87 4.29
C ASP B 91 2.33 17.31 4.92
N GLY B 92 1.28 16.50 4.86
CA GLY B 92 0.00 16.90 5.40
C GLY B 92 -0.62 18.10 4.73
N LEU B 93 -0.21 18.41 3.50
CA LEU B 93 -0.63 19.62 2.84
C LEU B 93 -0.82 19.42 1.34
N SER B 94 0.21 18.90 0.68
CA SER B 94 0.21 18.78 -0.77
C SER B 94 -0.62 17.59 -1.23
N GLU B 95 -1.05 17.64 -2.48
CA GLU B 95 -1.69 16.50 -3.12
C GLU B 95 -0.68 15.37 -3.30
N VAL B 96 -1.19 14.14 -3.37
CA VAL B 96 -0.38 12.96 -3.60
C VAL B 96 -1.12 12.05 -4.58
N GLN B 97 -0.41 11.03 -5.06
CA GLN B 97 -0.93 10.14 -6.09
C GLN B 97 -0.87 8.70 -5.59
N LEU B 98 -1.99 7.99 -5.72
CA LEU B 98 -2.05 6.56 -5.46
C LEU B 98 -1.85 5.83 -6.78
N LEU B 99 -0.75 5.09 -6.90
CA LEU B 99 -0.49 4.28 -8.08
C LEU B 99 -1.19 2.94 -7.90
N ALA B 100 -2.51 2.97 -8.05
CA ALA B 100 -3.31 1.77 -7.84
C ALA B 100 -2.96 0.70 -8.88
N VAL B 101 -2.93 -0.55 -8.43
CA VAL B 101 -2.63 -1.69 -9.30
C VAL B 101 -3.70 -2.74 -9.10
N PRO B 102 -4.90 -2.56 -9.66
CA PRO B 102 -5.96 -3.53 -9.46
C PRO B 102 -5.66 -4.83 -10.21
N PRO B 103 -6.17 -5.96 -9.73
CA PRO B 103 -5.95 -7.21 -10.45
C PRO B 103 -6.45 -7.12 -11.89
N GLY B 104 -5.56 -7.51 -12.82
CA GLY B 104 -5.92 -7.50 -14.24
C GLY B 104 -6.09 -6.13 -14.85
N GLU B 105 -5.66 -5.07 -14.17
CA GLU B 105 -5.79 -3.72 -14.69
C GLU B 105 -4.45 -3.00 -14.63
N ARG B 106 -4.17 -2.21 -15.66
CA ARG B 106 -2.90 -1.50 -15.74
C ARG B 106 -2.77 -0.47 -14.62
N ALA B 107 -1.55 -0.34 -14.10
CA ALA B 107 -1.30 0.64 -13.04
C ALA B 107 -1.69 2.03 -13.48
N LYS B 108 -2.53 2.69 -12.69
CA LYS B 108 -3.02 4.02 -12.99
C LYS B 108 -2.72 4.96 -11.82
N ASN B 109 -2.18 6.12 -12.12
CA ASN B 109 -1.92 7.13 -11.11
C ASN B 109 -3.21 7.92 -10.83
N ILE B 110 -3.60 7.98 -9.56
CA ILE B 110 -4.80 8.66 -9.14
C ILE B 110 -4.39 9.77 -8.18
N GLN B 111 -4.40 11.01 -8.66
CA GLN B 111 -4.12 12.15 -7.80
C GLN B 111 -5.26 12.35 -6.80
N THR B 112 -4.91 12.82 -5.61
CA THR B 112 -5.90 13.03 -4.57
C THR B 112 -5.24 13.82 -3.43
N LEU B 113 -6.08 14.29 -2.52
CA LEU B 113 -5.61 14.98 -1.32
C LEU B 113 -5.93 14.14 -0.10
N PRO B 114 -4.93 13.65 0.63
CA PRO B 114 -5.21 12.73 1.74
C PRO B 114 -6.07 13.37 2.81
N GLY B 115 -6.89 12.53 3.45
CA GLY B 115 -7.62 12.90 4.63
C GLY B 115 -6.79 12.66 5.88
N ILE B 116 -7.47 12.66 7.03
CA ILE B 116 -6.80 12.51 8.32
C ILE B 116 -7.47 11.40 9.11
N PHE B 117 -6.67 10.44 9.57
CA PHE B 117 -7.10 9.48 10.57
C PHE B 117 -6.69 10.03 11.93
N LYS B 118 -7.66 10.47 12.73
CA LYS B 118 -7.39 11.05 14.04
C LYS B 118 -7.42 9.93 15.08
N THR B 119 -6.25 9.61 15.63
CA THR B 119 -6.10 8.55 16.61
C THR B 119 -5.58 9.14 17.93
N LYS B 120 -5.44 8.26 18.93
CA LYS B 120 -4.92 8.69 20.21
C LYS B 120 -3.41 8.90 20.18
N ASP B 121 -2.71 8.19 19.30
CA ASP B 121 -1.27 8.31 19.15
C ASP B 121 -0.87 9.34 18.10
N GLY B 122 -1.81 10.14 17.60
CA GLY B 122 -1.52 11.17 16.64
C GLY B 122 -2.46 11.07 15.46
N ASP B 123 -2.03 11.65 14.34
CA ASP B 123 -2.80 11.64 13.10
C ASP B 123 -1.96 11.06 11.97
N ILE B 124 -2.65 10.45 11.00
CA ILE B 124 -2.01 9.88 9.83
C ILE B 124 -2.86 10.19 8.61
N GLY B 125 -2.21 10.28 7.46
CA GLY B 125 -2.94 10.55 6.23
C GLY B 125 -3.76 9.37 5.78
N ALA B 126 -4.84 9.66 5.06
CA ALA B 126 -5.74 8.64 4.53
C ALA B 126 -6.24 9.07 3.17
N VAL B 127 -6.34 8.11 2.25
CA VAL B 127 -6.81 8.35 0.89
C VAL B 127 -8.19 7.73 0.75
N ALA B 128 -9.14 8.52 0.26
CA ALA B 128 -10.52 8.06 0.10
C ALA B 128 -10.75 7.52 -1.31
N LEU B 129 -10.06 6.41 -1.60
CA LEU B 129 -10.15 5.73 -2.88
C LEU B 129 -10.54 4.27 -2.65
N ASP B 130 -11.50 3.79 -3.42
CA ASP B 130 -12.01 2.43 -3.29
C ASP B 130 -11.54 1.60 -4.47
N TYR B 131 -10.95 0.45 -4.19
CA TYR B 131 -10.42 -0.43 -5.24
C TYR B 131 -10.56 -1.87 -4.80
N PRO B 132 -10.40 -2.83 -5.73
CA PRO B 132 -10.52 -4.24 -5.37
C PRO B 132 -9.58 -4.62 -4.24
N ALA B 133 -9.93 -5.69 -3.53
CA ALA B 133 -9.12 -6.14 -2.40
C ALA B 133 -7.68 -6.41 -2.82
N GLY B 134 -7.48 -6.95 -4.03
CA GLY B 134 -6.15 -7.24 -4.53
C GLY B 134 -5.27 -6.03 -4.73
N THR B 135 -5.80 -4.82 -4.55
CA THR B 135 -5.01 -3.60 -4.70
C THR B 135 -4.20 -3.25 -3.46
N SER B 136 -4.34 -4.03 -2.38
CA SER B 136 -3.61 -3.73 -1.15
C SER B 136 -2.12 -3.71 -1.40
N GLY B 137 -1.46 -2.64 -0.95
CA GLY B 137 -0.02 -2.50 -1.09
C GLY B 137 0.42 -1.54 -2.17
N SER B 138 -0.50 -0.98 -2.95
CA SER B 138 -0.11 -0.06 -4.01
C SER B 138 0.46 1.21 -3.40
N PRO B 139 1.60 1.71 -3.89
CA PRO B 139 2.26 2.83 -3.22
C PRO B 139 1.49 4.13 -3.38
N ILE B 140 1.82 5.07 -2.49
CA ILE B 140 1.29 6.43 -2.52
C ILE B 140 2.47 7.37 -2.62
N LEU B 141 2.48 8.21 -3.65
CA LEU B 141 3.64 9.01 -4.00
C LEU B 141 3.42 10.48 -3.67
N ASP B 142 4.53 11.17 -3.42
CA ASP B 142 4.54 12.62 -3.33
C ASP B 142 4.96 13.21 -4.67
N LYS B 143 4.89 14.54 -4.78
CA LYS B 143 5.23 15.19 -6.03
C LYS B 143 6.66 14.90 -6.46
N CYS B 144 7.53 14.56 -5.51
CA CYS B 144 8.93 14.26 -5.82
C CYS B 144 9.14 12.84 -6.32
N GLY B 145 8.13 11.98 -6.22
CA GLY B 145 8.27 10.59 -6.60
C GLY B 145 8.68 9.65 -5.49
N ARG B 146 8.65 10.09 -4.24
CA ARG B 146 8.99 9.26 -3.10
C ARG B 146 7.75 8.59 -2.53
N VAL B 147 7.87 7.30 -2.24
CA VAL B 147 6.76 6.56 -1.66
C VAL B 147 6.59 7.00 -0.21
N ILE B 148 5.39 7.48 0.12
CA ILE B 148 5.10 8.00 1.45
C ILE B 148 4.23 7.04 2.26
N GLY B 149 3.94 5.86 1.73
CA GLY B 149 3.13 4.90 2.44
C GLY B 149 2.52 3.90 1.48
N LEU B 150 1.85 2.92 2.07
CA LEU B 150 1.18 1.86 1.34
C LEU B 150 -0.33 1.93 1.57
N TYR B 151 -1.07 1.40 0.61
CA TYR B 151 -2.52 1.45 0.58
C TYR B 151 -3.11 0.07 0.83
N GLY B 152 -4.20 0.01 1.59
CA GLY B 152 -4.88 -1.25 1.80
C GLY B 152 -5.44 -1.49 3.19
N ASN B 153 -5.06 -0.68 4.17
CA ASN B 153 -5.51 -0.84 5.54
C ASN B 153 -6.28 0.41 5.95
N GLY B 154 -7.60 0.29 6.03
CA GLY B 154 -8.43 1.41 6.39
C GLY B 154 -9.77 0.97 6.93
N VAL B 155 -10.75 1.87 6.83
CA VAL B 155 -12.09 1.63 7.34
C VAL B 155 -13.10 1.90 6.23
N VAL B 156 -14.38 1.67 6.54
CA VAL B 156 -15.49 1.92 5.63
C VAL B 156 -16.37 2.98 6.26
N ILE B 157 -16.51 4.13 5.59
CA ILE B 157 -17.23 5.27 6.14
C ILE B 157 -18.73 5.09 5.94
N LYS B 158 -19.49 6.15 6.22
CA LYS B 158 -20.94 6.04 6.26
C LYS B 158 -21.51 5.56 4.93
N ASN B 159 -21.10 6.18 3.83
CA ASN B 159 -21.66 5.86 2.51
C ASN B 159 -21.27 4.48 2.00
N GLY B 160 -20.74 3.58 2.83
CA GLY B 160 -20.12 2.39 2.31
C GLY B 160 -18.77 2.62 1.68
N SER B 161 -18.26 3.86 1.73
CA SER B 161 -16.97 4.19 1.17
C SER B 161 -15.87 3.35 1.81
N TYR B 162 -14.70 3.38 1.18
CA TYR B 162 -13.48 2.82 1.75
C TYR B 162 -12.44 3.93 1.86
N VAL B 163 -11.82 4.03 3.02
CA VAL B 163 -10.78 5.01 3.29
C VAL B 163 -9.58 4.25 3.84
N SER B 164 -8.49 4.23 3.08
CA SER B 164 -7.27 3.53 3.48
C SER B 164 -6.28 4.50 4.09
N ALA B 165 -5.64 4.07 5.17
CA ALA B 165 -4.60 4.87 5.78
C ALA B 165 -3.33 4.85 4.93
N ILE B 166 -2.55 5.91 5.04
CA ILE B 166 -1.25 6.00 4.36
C ILE B 166 -0.24 5.32 5.27
N THR B 167 -0.12 4.00 5.10
CA THR B 167 0.70 3.18 5.99
C THR B 167 2.17 3.32 5.63
N GLN B 168 2.97 3.81 6.57
CA GLN B 168 4.40 3.99 6.37
C GLN B 168 5.15 3.46 7.59
N GLY B 169 6.28 2.79 7.34
CA GLY B 169 7.10 2.25 8.39
C GLY B 169 8.29 3.15 8.73
N LYS B 170 9.12 2.65 9.64
CA LYS B 170 10.30 3.36 10.09
C LYS B 170 11.55 2.64 9.60
N ARG B 171 12.46 3.39 8.99
CA ARG B 171 13.70 2.83 8.47
C ARG B 171 14.86 3.03 9.44
#